data_1Q6I
#
_entry.id   1Q6I
#
_cell.length_a   37.140
_cell.length_b   85.440
_cell.length_c   159.570
_cell.angle_alpha   90.00
_cell.angle_beta   90.00
_cell.angle_gamma   90.00
#
_symmetry.space_group_name_H-M   'P 21 21 21'
#
loop_
_entity.id
_entity.type
_entity.pdbx_description
1 polymer 'FKBP-type peptidyl-prolyl cis-trans isomerase fkpA'
2 non-polymer 8-DEETHYL-8-[BUT-3-ENYL]-ASCOMYCIN
3 water water
#
_entity_poly.entity_id   1
_entity_poly.type   'polypeptide(L)'
_entity_poly.pdbx_seq_one_letter_code
;AEAAKPATAADSKAAFKNDDQKSAYALGASLGRY(MSE)ENSLKEQEKLGIKLDKDQLIAGVQDAFADKSKLSDQEIEQT
LQAFEARVKSSAQAK(MSE)EKDAADNEAKGKEYREKFAKEKGVKTSSTGLVYQVVEAGKGEAPKDSDTVVVNYKGTLID
GKEFDNSYTRGEPLSFRLDGVIPGWTEGLKNIKKGGKIKLVIPPELAYGKAGVPGIPPNSTLVFDVELLDVK
;
_entity_poly.pdbx_strand_id   A,B
#
# COMPACT_ATOMS: atom_id res chain seq x y z
N ALA A 15 32.27 9.91 5.79
CA ALA A 15 33.24 9.16 6.63
C ALA A 15 32.84 7.73 6.95
N PHE A 16 32.07 7.09 6.09
CA PHE A 16 31.74 5.70 6.33
C PHE A 16 32.87 4.72 6.00
N LYS A 17 33.12 3.80 6.93
CA LYS A 17 34.22 2.88 6.81
C LYS A 17 33.83 1.55 6.21
N ASN A 18 32.58 1.16 6.35
CA ASN A 18 32.17 -0.14 5.90
C ASN A 18 30.69 -0.20 5.63
N ASP A 19 30.33 -1.27 4.92
CA ASP A 19 28.95 -1.50 4.50
C ASP A 19 27.98 -1.53 5.66
N ASP A 20 28.28 -2.27 6.71
CA ASP A 20 27.37 -2.27 7.84
C ASP A 20 27.13 -0.85 8.34
N GLN A 21 28.09 0.03 8.15
CA GLN A 21 27.91 1.42 8.58
C GLN A 21 27.18 2.25 7.49
N LYS A 22 27.69 2.21 6.28
CA LYS A 22 27.13 2.97 5.18
C LYS A 22 25.73 2.57 4.76
N SER A 23 25.46 1.26 4.67
CA SER A 23 24.12 0.84 4.26
C SER A 23 23.10 1.16 5.32
N ALA A 24 23.54 1.13 6.57
CA ALA A 24 22.65 1.42 7.68
C ALA A 24 22.27 2.90 7.66
N TYR A 25 23.25 3.75 7.39
CA TYR A 25 23.01 5.18 7.31
C TYR A 25 22.06 5.44 6.17
N ALA A 26 22.36 4.79 5.04
CA ALA A 26 21.56 4.95 3.85
C ALA A 26 20.13 4.57 4.14
N LEU A 27 19.96 3.39 4.73
CA LEU A 27 18.62 2.88 5.04
C LEU A 27 17.87 3.89 5.95
N GLY A 28 18.56 4.38 6.97
CA GLY A 28 17.99 5.37 7.85
C GLY A 28 17.62 6.65 7.10
N ALA A 29 18.57 7.20 6.34
CA ALA A 29 18.30 8.42 5.62
C ALA A 29 17.10 8.25 4.69
N SER A 30 17.00 7.10 4.07
CA SER A 30 15.91 6.84 3.16
C SER A 30 14.56 6.78 3.90
N LEU A 31 14.54 6.23 5.10
CA LEU A 31 13.32 6.16 5.85
C LEU A 31 12.94 7.51 6.39
N GLY A 32 13.90 8.22 6.91
CA GLY A 32 13.63 9.52 7.48
C GLY A 32 13.22 10.52 6.43
N ARG A 33 13.71 10.33 5.22
CA ARG A 33 13.35 11.22 4.13
C ARG A 33 11.89 10.93 3.75
N TYR A 34 11.52 9.66 3.80
CA TYR A 34 10.15 9.24 3.56
C TYR A 34 9.18 9.89 4.54
N GLU A 36 9.67 12.69 6.30
CA GLU A 36 9.67 14.12 6.08
C GLU A 36 8.77 14.47 4.92
N ASN A 37 8.80 13.64 3.88
CA ASN A 37 7.93 13.87 2.74
C ASN A 37 6.45 13.76 3.12
N SER A 38 6.08 12.82 3.96
CA SER A 38 4.68 12.71 4.41
C SER A 38 4.23 13.89 5.31
N LEU A 39 5.14 14.34 6.16
CA LEU A 39 4.88 15.49 7.02
C LEU A 39 4.75 16.76 6.16
N LYS A 40 5.51 16.86 5.10
CA LYS A 40 5.37 18.01 4.22
C LYS A 40 3.98 18.08 3.60
N GLU A 41 3.40 16.91 3.31
CA GLU A 41 2.04 16.88 2.75
C GLU A 41 1.04 17.21 3.84
N GLN A 42 1.31 16.75 5.05
CA GLN A 42 0.45 17.05 6.17
C GLN A 42 0.46 18.56 6.35
N GLU A 43 1.64 19.16 6.17
CA GLU A 43 1.75 20.59 6.31
C GLU A 43 0.84 21.35 5.33
N LYS A 44 0.69 20.88 4.08
CA LYS A 44 -0.16 21.59 3.14
C LYS A 44 -1.56 21.70 3.70
N LEU A 45 -1.89 20.82 4.65
CA LEU A 45 -3.22 20.84 5.23
C LEU A 45 -3.25 21.54 6.59
N GLY A 46 -2.23 22.31 6.92
CA GLY A 46 -2.20 22.97 8.21
C GLY A 46 -1.74 22.09 9.40
N ILE A 47 -1.37 20.83 9.14
CA ILE A 47 -0.97 19.90 10.21
C ILE A 47 0.55 19.84 10.31
N LYS A 48 1.07 20.26 11.44
CA LYS A 48 2.52 20.35 11.57
C LYS A 48 2.88 19.58 12.82
N LEU A 49 3.28 18.33 12.61
CA LEU A 49 3.59 17.43 13.71
C LEU A 49 4.80 17.93 14.44
N ASP A 50 4.85 17.67 15.75
CA ASP A 50 5.97 18.10 16.55
C ASP A 50 7.09 17.16 16.20
N LYS A 51 8.14 17.65 15.58
CA LYS A 51 9.21 16.79 15.10
C LYS A 51 10.12 16.27 16.21
N ASP A 52 10.12 16.91 17.38
CA ASP A 52 10.96 16.47 18.49
C ASP A 52 10.37 15.23 19.12
N GLN A 53 9.05 15.19 19.11
CA GLN A 53 8.32 14.08 19.63
C GLN A 53 8.37 12.95 18.67
N LEU A 54 8.43 13.27 17.39
CA LEU A 54 8.53 12.24 16.38
C LEU A 54 9.84 11.49 16.53
N ILE A 55 10.95 12.20 16.68
CA ILE A 55 12.24 11.52 16.83
C ILE A 55 12.34 10.82 18.21
N ALA A 56 11.64 11.35 19.20
CA ALA A 56 11.57 10.70 20.51
C ALA A 56 10.89 9.34 20.38
N GLY A 57 9.86 9.25 19.56
CA GLY A 57 9.19 7.97 19.41
C GLY A 57 10.05 6.98 18.64
N VAL A 58 10.75 7.50 17.65
CA VAL A 58 11.64 6.66 16.89
C VAL A 58 12.63 6.01 17.83
N GLN A 59 13.35 6.82 18.60
CA GLN A 59 14.37 6.33 19.52
C GLN A 59 13.75 5.39 20.62
N ASP A 60 12.67 5.80 21.26
CA ASP A 60 12.06 4.98 22.30
C ASP A 60 11.64 3.61 21.79
N ALA A 61 10.96 3.54 20.67
CA ALA A 61 10.51 2.25 20.17
C ALA A 61 11.74 1.46 19.75
N PHE A 62 12.74 2.14 19.22
CA PHE A 62 13.98 1.49 18.82
C PHE A 62 14.65 0.82 19.99
N ALA A 63 14.51 1.39 21.17
CA ALA A 63 15.08 0.78 22.35
C ALA A 63 14.08 -0.15 23.05
N ASP A 64 12.94 -0.42 22.43
CA ASP A 64 11.90 -1.24 23.06
C ASP A 64 11.30 -0.55 24.29
N LYS A 65 11.25 0.78 24.29
CA LYS A 65 10.73 1.53 25.42
C LYS A 65 9.73 2.57 24.98
N SER A 66 8.98 2.26 23.94
CA SER A 66 7.94 3.17 23.51
C SER A 66 6.98 3.48 24.63
N LYS A 67 6.70 4.76 24.80
CA LYS A 67 5.78 5.22 25.84
C LYS A 67 4.34 4.89 25.44
N LEU A 68 4.18 4.40 24.23
CA LEU A 68 2.90 3.90 23.79
C LEU A 68 3.05 2.44 23.44
N SER A 69 2.10 1.63 23.87
CA SER A 69 2.04 0.22 23.58
C SER A 69 1.69 0.07 22.11
N ASP A 70 1.80 -1.13 21.56
CA ASP A 70 1.49 -1.31 20.15
C ASP A 70 0.00 -1.00 19.93
N GLN A 71 -0.80 -1.31 20.94
CA GLN A 71 -2.22 -1.05 20.81
C GLN A 71 -2.50 0.44 20.76
N GLU A 72 -1.81 1.19 21.60
CA GLU A 72 -2.03 2.62 21.67
C GLU A 72 -1.51 3.29 20.39
N ILE A 73 -0.39 2.80 19.90
CA ILE A 73 0.16 3.33 18.68
C ILE A 73 -0.89 3.21 17.62
N GLU A 74 -1.38 2.00 17.43
CA GLU A 74 -2.37 1.78 16.40
C GLU A 74 -3.59 2.65 16.64
N GLN A 75 -4.03 2.78 17.88
CA GLN A 75 -5.21 3.59 18.19
C GLN A 75 -4.93 5.06 17.82
N THR A 76 -3.74 5.55 18.18
CA THR A 76 -3.39 6.91 17.92
C THR A 76 -3.31 7.17 16.42
N LEU A 77 -2.72 6.25 15.68
CA LEU A 77 -2.55 6.52 14.27
C LEU A 77 -3.88 6.43 13.49
N GLN A 78 -4.84 5.60 13.92
CA GLN A 78 -6.14 5.56 13.26
C GLN A 78 -6.84 6.93 13.39
N ALA A 79 -6.92 7.47 14.60
CA ALA A 79 -7.48 8.79 14.83
C ALA A 79 -6.70 9.82 14.02
N PHE A 80 -5.37 9.79 14.10
CA PHE A 80 -4.55 10.70 13.32
C PHE A 80 -4.89 10.61 11.85
N GLU A 81 -5.06 9.40 11.36
CA GLU A 81 -5.40 9.23 9.94
C GLU A 81 -6.75 9.89 9.61
N ALA A 82 -7.74 9.75 10.50
CA ALA A 82 -9.03 10.42 10.37
C ALA A 82 -8.90 11.96 10.37
N ARG A 83 -8.02 12.50 11.21
CA ARG A 83 -7.79 13.95 11.26
C ARG A 83 -7.21 14.46 9.95
N VAL A 84 -6.37 13.64 9.32
CA VAL A 84 -5.75 14.06 8.07
C VAL A 84 -6.76 14.13 6.93
N LYS A 85 -7.59 13.10 6.81
CA LYS A 85 -8.54 13.05 5.75
C LYS A 85 -9.53 14.17 5.96
N SER A 86 -9.97 14.36 7.20
CA SER A 86 -10.97 15.39 7.46
C SER A 86 -10.41 16.78 7.11
N SER A 87 -9.13 16.96 7.36
CA SER A 87 -8.48 18.21 7.09
C SER A 87 -8.24 18.33 5.60
N ALA A 88 -8.05 17.21 4.94
CA ALA A 88 -7.93 17.21 3.49
C ALA A 88 -9.25 17.71 2.93
N GLN A 89 -10.38 17.18 3.42
CA GLN A 89 -11.64 17.63 2.88
C GLN A 89 -11.89 19.13 3.15
N ALA A 90 -11.48 19.60 4.32
CA ALA A 90 -11.74 21.00 4.69
C ALA A 90 -11.00 21.91 3.76
N LYS A 91 -9.81 21.49 3.41
CA LYS A 91 -8.99 22.28 2.54
C LYS A 91 -9.56 22.32 1.09
N GLU A 93 -12.57 22.20 0.47
CA GLU A 93 -13.75 23.05 0.56
C GLU A 93 -13.35 24.51 0.56
N LYS A 94 -12.33 24.86 1.33
CA LYS A 94 -11.88 26.25 1.35
C LYS A 94 -11.38 26.64 -0.07
N ASP A 95 -10.65 25.75 -0.73
CA ASP A 95 -10.13 26.03 -2.07
C ASP A 95 -11.29 26.19 -3.05
N ALA A 96 -12.24 25.28 -2.98
CA ALA A 96 -13.41 25.40 -3.82
C ALA A 96 -14.02 26.81 -3.70
N ALA A 97 -14.24 27.29 -2.48
CA ALA A 97 -14.86 28.60 -2.26
C ALA A 97 -14.00 29.76 -2.75
N ASP A 98 -12.69 29.65 -2.51
CA ASP A 98 -11.73 30.71 -2.90
C ASP A 98 -11.66 30.82 -4.44
N ASN A 99 -11.56 29.69 -5.14
CA ASN A 99 -11.45 29.72 -6.59
C ASN A 99 -12.73 30.17 -7.25
N GLU A 100 -13.86 29.74 -6.68
CA GLU A 100 -15.17 30.09 -7.18
C GLU A 100 -15.25 31.61 -7.21
N ALA A 101 -14.84 32.25 -6.12
CA ALA A 101 -14.92 33.69 -5.97
C ALA A 101 -13.95 34.39 -6.92
N LYS A 102 -12.69 33.95 -6.88
CA LYS A 102 -11.64 34.50 -7.72
C LYS A 102 -11.94 34.36 -9.20
N GLY A 103 -12.50 33.22 -9.56
CA GLY A 103 -12.93 32.97 -10.93
C GLY A 103 -14.09 33.84 -11.38
N LYS A 104 -15.02 34.09 -10.47
CA LYS A 104 -16.18 34.92 -10.80
C LYS A 104 -15.74 36.35 -11.09
N GLU A 105 -14.80 36.83 -10.30
CA GLU A 105 -14.25 38.15 -10.47
C GLU A 105 -13.50 38.23 -11.81
N TYR A 106 -12.71 37.21 -12.10
CA TYR A 106 -11.89 37.23 -13.30
C TYR A 106 -12.80 37.25 -14.53
N ARG A 107 -13.82 36.40 -14.56
CA ARG A 107 -14.80 36.38 -15.64
C ARG A 107 -15.53 37.72 -15.85
N GLU A 108 -15.95 38.32 -14.76
CA GLU A 108 -16.67 39.58 -14.77
C GLU A 108 -15.88 40.76 -15.38
N LYS A 109 -14.63 40.87 -14.97
CA LYS A 109 -13.74 41.87 -15.50
C LYS A 109 -13.49 41.63 -17.00
N PHE A 110 -13.14 40.40 -17.38
CA PHE A 110 -12.88 40.11 -18.77
C PHE A 110 -14.11 40.34 -19.65
N ALA A 111 -15.29 39.91 -19.20
CA ALA A 111 -16.53 40.05 -19.97
C ALA A 111 -16.90 41.52 -20.34
N LYS A 112 -16.41 42.50 -19.59
CA LYS A 112 -16.65 43.89 -19.89
C LYS A 112 -15.79 44.43 -21.02
N GLU A 113 -14.71 43.73 -21.39
CA GLU A 113 -13.81 44.24 -22.39
C GLU A 113 -14.38 44.20 -23.80
N LYS A 114 -13.84 45.08 -24.63
CA LYS A 114 -14.21 45.23 -26.01
C LYS A 114 -14.09 43.90 -26.74
N GLY A 115 -15.17 43.53 -27.43
CA GLY A 115 -15.22 42.32 -28.23
C GLY A 115 -15.59 41.04 -27.48
N VAL A 116 -15.74 41.14 -26.16
CA VAL A 116 -16.07 39.94 -25.34
C VAL A 116 -17.55 39.81 -25.12
N LYS A 117 -18.03 38.57 -25.13
CA LYS A 117 -19.45 38.31 -25.00
C LYS A 117 -19.72 37.30 -23.92
N THR A 118 -20.93 37.35 -23.37
CA THR A 118 -21.32 36.42 -22.35
C THR A 118 -22.55 35.70 -22.86
N SER A 119 -22.54 34.38 -22.86
CA SER A 119 -23.69 33.67 -23.34
C SER A 119 -24.67 33.54 -22.26
N SER A 120 -25.80 33.01 -22.64
CA SER A 120 -26.90 32.73 -21.76
C SER A 120 -26.54 31.72 -20.69
N THR A 121 -25.55 30.86 -20.93
CA THR A 121 -25.17 29.85 -19.93
C THR A 121 -24.11 30.39 -19.01
N GLY A 122 -23.55 31.55 -19.32
CA GLY A 122 -22.49 32.09 -18.48
C GLY A 122 -21.11 31.87 -19.07
N LEU A 123 -21.03 31.24 -20.23
CA LEU A 123 -19.75 31.11 -20.92
C LEU A 123 -19.37 32.51 -21.37
N VAL A 124 -18.10 32.87 -21.12
CA VAL A 124 -17.55 34.12 -21.60
C VAL A 124 -16.58 33.75 -22.75
N TYR A 125 -16.73 34.43 -23.88
CA TYR A 125 -15.90 34.13 -25.03
C TYR A 125 -15.56 35.36 -25.87
N GLN A 126 -14.44 35.26 -26.56
CA GLN A 126 -14.01 36.32 -27.42
C GLN A 126 -13.66 35.70 -28.76
N VAL A 127 -14.44 36.02 -29.79
CA VAL A 127 -14.14 35.58 -31.15
C VAL A 127 -12.90 36.36 -31.65
N VAL A 128 -11.86 35.67 -32.05
CA VAL A 128 -10.65 36.32 -32.59
C VAL A 128 -10.71 36.31 -34.12
N GLU A 129 -11.00 35.16 -34.70
CA GLU A 129 -11.27 35.03 -36.14
C GLU A 129 -12.53 34.21 -36.29
N ALA A 130 -13.47 34.68 -37.10
CA ALA A 130 -14.70 33.94 -37.38
C ALA A 130 -14.45 32.62 -38.08
N GLY A 131 -13.47 32.61 -38.98
CA GLY A 131 -13.26 31.47 -39.83
C GLY A 131 -14.26 31.54 -40.97
N LYS A 132 -14.39 30.45 -41.71
CA LYS A 132 -15.26 30.45 -42.87
C LYS A 132 -15.66 29.01 -43.19
N GLY A 133 -16.94 28.79 -43.43
CA GLY A 133 -17.46 27.48 -43.73
C GLY A 133 -18.61 27.12 -42.78
N GLU A 134 -18.83 25.83 -42.60
CA GLU A 134 -19.83 25.37 -41.65
C GLU A 134 -19.36 25.59 -40.22
N ALA A 135 -20.31 25.82 -39.34
CA ALA A 135 -20.01 25.83 -37.91
C ALA A 135 -20.24 24.45 -37.40
N PRO A 136 -19.50 24.09 -36.36
CA PRO A 136 -19.66 22.80 -35.70
C PRO A 136 -21.08 22.61 -35.20
N LYS A 137 -21.62 21.41 -35.41
CA LYS A 137 -22.90 21.03 -34.83
C LYS A 137 -22.69 19.81 -33.91
N ASP A 138 -23.69 19.49 -33.11
CA ASP A 138 -23.58 18.42 -32.10
C ASP A 138 -22.95 17.04 -32.48
N SER A 139 -23.51 16.34 -33.44
CA SER A 139 -22.88 15.09 -33.82
C SER A 139 -21.52 15.28 -34.55
N ASP A 140 -21.07 16.51 -34.83
CA ASP A 140 -19.83 16.68 -35.62
C ASP A 140 -18.52 16.33 -34.90
N THR A 141 -17.51 16.09 -35.71
CA THR A 141 -16.14 15.97 -35.21
C THR A 141 -15.35 17.25 -35.52
N VAL A 142 -14.57 17.70 -34.55
CA VAL A 142 -13.77 18.89 -34.71
C VAL A 142 -12.32 18.54 -34.44
N VAL A 143 -11.45 19.24 -35.18
CA VAL A 143 -10.00 19.15 -35.02
C VAL A 143 -9.51 20.54 -34.58
N VAL A 144 -8.78 20.63 -33.46
CA VAL A 144 -8.32 21.90 -32.92
C VAL A 144 -6.91 21.92 -32.37
N ASN A 145 -6.28 23.09 -32.38
CA ASN A 145 -5.13 23.29 -31.55
C ASN A 145 -5.64 24.14 -30.37
N TYR A 146 -5.07 23.94 -29.20
CA TYR A 146 -5.50 24.75 -28.05
C TYR A 146 -4.43 24.85 -26.98
N LYS A 147 -4.64 25.81 -26.11
CA LYS A 147 -3.78 26.02 -25.00
C LYS A 147 -4.74 26.30 -23.91
N GLY A 148 -4.57 25.63 -22.77
CA GLY A 148 -5.38 25.86 -21.59
C GLY A 148 -4.57 26.35 -20.39
N THR A 149 -5.08 27.38 -19.69
CA THR A 149 -4.43 27.96 -18.54
C THR A 149 -5.46 28.25 -17.44
N LEU A 150 -4.98 28.24 -16.21
CA LEU A 150 -5.81 28.57 -15.09
C LEU A 150 -5.81 30.08 -15.09
N ILE A 151 -6.66 30.69 -14.31
CA ILE A 151 -6.76 32.12 -14.39
C ILE A 151 -5.51 32.86 -13.91
N ASP A 152 -4.61 32.20 -13.20
CA ASP A 152 -3.38 32.84 -12.74
C ASP A 152 -2.26 32.72 -13.75
N GLY A 153 -2.54 32.14 -14.91
CA GLY A 153 -1.52 31.96 -15.92
C GLY A 153 -0.82 30.60 -15.99
N LYS A 154 -1.04 29.71 -15.03
CA LYS A 154 -0.43 28.38 -15.11
C LYS A 154 -1.07 27.61 -16.26
N GLU A 155 -0.24 27.00 -17.07
CA GLU A 155 -0.71 26.30 -18.25
C GLU A 155 -0.88 24.85 -17.88
N PHE A 156 -2.06 24.32 -18.04
CA PHE A 156 -2.25 22.91 -17.69
C PHE A 156 -2.20 22.01 -18.93
N ASP A 157 -2.41 22.54 -20.12
CA ASP A 157 -2.38 21.73 -21.35
C ASP A 157 -2.10 22.63 -22.56
N ASN A 158 -1.32 22.10 -23.51
CA ASN A 158 -0.95 22.80 -24.74
C ASN A 158 -0.80 21.76 -25.86
N SER A 159 -1.76 21.69 -26.77
CA SER A 159 -1.73 20.72 -27.85
C SER A 159 -0.56 20.93 -28.82
N TYR A 160 -0.25 22.20 -29.11
CA TYR A 160 0.89 22.59 -29.94
C TYR A 160 2.17 21.84 -29.59
N THR A 161 2.40 21.60 -28.29
CA THR A 161 3.57 20.87 -27.86
C THR A 161 3.56 19.38 -28.22
N ARG A 162 2.40 18.79 -28.56
CA ARG A 162 2.41 17.39 -28.99
C ARG A 162 2.64 17.32 -30.47
N GLY A 163 2.80 18.49 -31.07
CA GLY A 163 3.05 18.57 -32.48
C GLY A 163 1.88 18.12 -33.33
N GLU A 164 0.69 18.04 -32.75
CA GLU A 164 -0.45 17.63 -33.55
C GLU A 164 -1.73 18.15 -32.95
N PRO A 165 -2.67 18.45 -33.80
CA PRO A 165 -3.96 18.92 -33.31
C PRO A 165 -4.71 17.75 -32.67
N LEU A 166 -5.78 18.06 -31.98
CA LEU A 166 -6.60 17.08 -31.32
C LEU A 166 -7.95 17.00 -32.02
N SER A 167 -8.44 15.80 -32.12
CA SER A 167 -9.69 15.50 -32.76
C SER A 167 -10.63 15.03 -31.68
N PHE A 168 -11.90 15.42 -31.70
CA PHE A 168 -12.89 14.83 -30.83
C PHE A 168 -14.33 15.13 -31.29
N ARG A 169 -15.27 14.40 -30.75
CA ARG A 169 -16.68 14.69 -31.01
C ARG A 169 -17.09 15.91 -30.17
N LEU A 170 -17.72 16.89 -30.83
CA LEU A 170 -18.13 18.13 -30.18
C LEU A 170 -18.94 17.88 -28.93
N ASP A 171 -19.79 16.86 -28.96
CA ASP A 171 -20.68 16.50 -27.86
C ASP A 171 -20.02 15.62 -26.79
N GLY A 172 -18.77 15.22 -27.01
CA GLY A 172 -18.08 14.39 -26.05
C GLY A 172 -17.21 15.15 -25.06
N VAL A 173 -17.13 16.47 -25.20
CA VAL A 173 -16.27 17.32 -24.37
C VAL A 173 -17.02 18.17 -23.31
N ILE A 174 -16.30 18.90 -22.47
CA ILE A 174 -17.01 19.73 -21.48
C ILE A 174 -17.93 20.78 -22.14
N PRO A 175 -19.03 21.09 -21.50
CA PRO A 175 -20.06 21.94 -22.14
C PRO A 175 -19.58 23.29 -22.66
N GLY A 176 -18.65 23.93 -21.95
CA GLY A 176 -18.14 25.22 -22.42
C GLY A 176 -17.50 25.12 -23.81
N TRP A 177 -16.93 23.97 -24.13
CA TRP A 177 -16.35 23.80 -25.46
C TRP A 177 -17.47 23.41 -26.42
N THR A 178 -18.36 22.53 -25.99
CA THR A 178 -19.46 22.12 -26.85
C THR A 178 -20.21 23.34 -27.42
N GLU A 179 -20.51 24.27 -26.53
CA GLU A 179 -21.21 25.53 -26.86
C GLU A 179 -20.30 26.56 -27.53
N GLY A 180 -19.10 26.73 -26.96
CA GLY A 180 -18.17 27.76 -27.40
C GLY A 180 -17.75 27.63 -28.85
N LEU A 181 -17.52 26.41 -29.31
CA LEU A 181 -17.03 26.23 -30.65
C LEU A 181 -18.12 26.47 -31.70
N LYS A 182 -19.39 26.43 -31.31
CA LYS A 182 -20.48 26.78 -32.25
C LYS A 182 -20.47 28.27 -32.68
N ASN A 183 -19.70 29.07 -31.95
CA ASN A 183 -19.52 30.51 -32.22
C ASN A 183 -18.54 30.89 -33.31
N ILE A 184 -17.79 29.91 -33.83
CA ILE A 184 -16.88 30.16 -34.94
C ILE A 184 -17.01 29.09 -35.99
N LYS A 185 -16.27 29.24 -37.08
CA LYS A 185 -16.38 28.30 -38.19
C LYS A 185 -15.01 27.79 -38.47
N LYS A 186 -14.88 26.86 -39.38
CA LYS A 186 -13.58 26.31 -39.75
C LYS A 186 -12.64 27.42 -40.12
N GLY A 187 -11.46 27.40 -39.50
CA GLY A 187 -10.44 28.42 -39.72
C GLY A 187 -10.42 29.51 -38.65
N GLY A 188 -11.45 29.51 -37.80
CA GLY A 188 -11.57 30.52 -36.77
C GLY A 188 -10.75 30.26 -35.51
N LYS A 189 -10.72 31.29 -34.69
CA LYS A 189 -10.04 31.25 -33.42
C LYS A 189 -10.96 31.90 -32.39
N ILE A 190 -10.93 31.38 -31.17
CA ILE A 190 -11.76 31.91 -30.14
C ILE A 190 -11.11 31.66 -28.79
N LYS A 191 -11.33 32.59 -27.90
CA LYS A 191 -10.84 32.47 -26.54
C LYS A 191 -12.05 32.13 -25.70
N LEU A 192 -11.95 31.05 -24.94
CA LEU A 192 -13.05 30.63 -24.12
C LEU A 192 -12.65 30.79 -22.67
N VAL A 193 -13.51 31.43 -21.89
CA VAL A 193 -13.31 31.64 -20.47
C VAL A 193 -14.49 30.93 -19.80
N ILE A 194 -14.20 29.74 -19.28
CA ILE A 194 -15.22 28.79 -18.88
C ILE A 194 -15.36 28.66 -17.38
N PRO A 195 -16.57 28.97 -16.89
CA PRO A 195 -16.90 28.75 -15.49
C PRO A 195 -16.83 27.27 -15.12
N PRO A 196 -16.47 27.00 -13.87
CA PRO A 196 -16.35 25.61 -13.38
C PRO A 196 -17.55 24.78 -13.65
N GLU A 197 -18.75 25.36 -13.61
CA GLU A 197 -19.94 24.54 -13.81
C GLU A 197 -20.11 24.11 -15.25
N LEU A 198 -19.38 24.72 -16.17
CA LEU A 198 -19.40 24.25 -17.56
C LEU A 198 -18.09 23.50 -17.83
N ALA A 199 -17.33 23.26 -16.77
CA ALA A 199 -16.07 22.56 -16.85
C ALA A 199 -15.96 21.36 -15.89
N TYR A 200 -15.03 21.36 -14.94
CA TYR A 200 -14.83 20.22 -14.02
C TYR A 200 -15.40 20.43 -12.62
N GLY A 201 -16.12 21.53 -12.45
CA GLY A 201 -16.91 21.74 -11.25
C GLY A 201 -16.12 21.83 -9.97
N LYS A 202 -16.80 21.54 -8.87
CA LYS A 202 -16.20 21.61 -7.54
C LYS A 202 -15.10 20.58 -7.28
N ALA A 203 -15.18 19.41 -7.91
CA ALA A 203 -14.16 18.38 -7.68
C ALA A 203 -12.88 18.54 -8.50
N GLY A 204 -12.95 19.18 -9.65
CA GLY A 204 -11.76 19.33 -10.48
C GLY A 204 -11.23 17.95 -10.89
N VAL A 205 -10.03 17.92 -11.45
CA VAL A 205 -9.38 16.70 -11.86
C VAL A 205 -7.90 17.01 -11.68
N PRO A 206 -7.02 16.00 -11.80
CA PRO A 206 -5.58 16.25 -11.61
C PRO A 206 -5.09 17.40 -12.46
N GLY A 207 -4.41 18.34 -11.81
CA GLY A 207 -3.96 19.54 -12.47
C GLY A 207 -4.97 20.70 -12.48
N ILE A 208 -6.24 20.42 -12.18
CA ILE A 208 -7.25 21.45 -12.19
C ILE A 208 -8.00 21.52 -10.88
N PRO A 209 -7.64 22.50 -10.06
CA PRO A 209 -8.23 22.59 -8.71
C PRO A 209 -9.74 22.79 -8.69
N PRO A 210 -10.35 22.56 -7.53
CA PRO A 210 -11.80 22.72 -7.32
C PRO A 210 -12.35 24.05 -7.84
N ASN A 211 -13.50 24.00 -8.50
CA ASN A 211 -14.16 25.18 -9.01
C ASN A 211 -13.22 26.11 -9.77
N SER A 212 -12.39 25.56 -10.62
CA SER A 212 -11.50 26.41 -11.38
C SER A 212 -12.14 26.97 -12.65
N THR A 213 -11.98 28.28 -12.85
CA THR A 213 -12.41 28.85 -14.12
C THR A 213 -11.28 28.53 -15.13
N LEU A 214 -11.62 28.06 -16.35
CA LEU A 214 -10.56 27.75 -17.31
C LEU A 214 -10.54 28.73 -18.47
N VAL A 215 -9.34 29.08 -18.91
CA VAL A 215 -9.12 29.95 -20.03
C VAL A 215 -8.53 29.13 -21.19
N PHE A 216 -9.26 29.00 -22.29
CA PHE A 216 -8.71 28.28 -23.43
C PHE A 216 -8.52 29.19 -24.65
N ASP A 217 -7.35 29.15 -25.26
CA ASP A 217 -7.16 29.75 -26.59
C ASP A 217 -7.20 28.64 -27.64
N VAL A 218 -8.26 28.65 -28.46
CA VAL A 218 -8.56 27.64 -29.42
C VAL A 218 -8.47 28.09 -30.88
N GLU A 219 -7.87 27.24 -31.71
CA GLU A 219 -7.95 27.42 -33.16
C GLU A 219 -8.72 26.22 -33.75
N LEU A 220 -9.79 26.50 -34.50
CA LEU A 220 -10.59 25.45 -35.15
C LEU A 220 -10.14 25.17 -36.58
N LEU A 221 -9.54 23.99 -36.77
CA LEU A 221 -8.95 23.61 -38.07
C LEU A 221 -9.92 22.88 -39.00
N ASP A 222 -10.77 22.03 -38.44
CA ASP A 222 -11.69 21.30 -39.29
C ASP A 222 -12.98 20.95 -38.55
N VAL A 223 -14.02 20.81 -39.34
CA VAL A 223 -15.34 20.45 -38.86
C VAL A 223 -15.73 19.40 -39.85
N LYS A 224 -15.95 18.18 -39.38
CA LYS A 224 -16.24 17.07 -40.27
C LYS A 224 -17.25 16.11 -39.69
N ALA B 15 1.87 13.50 30.29
CA ALA B 15 2.95 13.32 29.30
C ALA B 15 2.65 14.22 28.09
N PHE B 16 2.10 13.64 27.01
CA PHE B 16 1.70 14.40 25.83
C PHE B 16 0.63 15.42 26.11
N LYS B 17 0.91 16.66 25.69
CA LYS B 17 0.00 17.76 25.95
C LYS B 17 -1.17 17.72 24.98
N ASN B 18 -0.98 17.10 23.83
CA ASN B 18 -2.06 17.05 22.86
C ASN B 18 -1.67 16.21 21.64
N ASP B 19 -2.28 16.49 20.49
CA ASP B 19 -2.11 15.65 19.31
C ASP B 19 -0.87 15.89 18.46
N ASP B 20 -0.59 17.14 18.15
CA ASP B 20 0.60 17.40 17.35
C ASP B 20 1.77 16.70 18.07
N GLN B 21 1.57 16.34 19.33
CA GLN B 21 2.59 15.61 20.12
C GLN B 21 2.35 14.09 20.12
N LYS B 22 1.17 13.69 20.54
CA LYS B 22 0.83 12.29 20.68
C LYS B 22 1.00 11.58 19.35
N SER B 23 0.35 12.11 18.33
CA SER B 23 0.40 11.50 17.01
C SER B 23 1.80 11.51 16.46
N ALA B 24 2.53 12.58 16.73
CA ALA B 24 3.90 12.62 16.24
C ALA B 24 4.68 11.45 16.86
N TYR B 25 4.64 11.32 18.19
CA TYR B 25 5.36 10.24 18.88
C TYR B 25 4.93 8.86 18.35
N ALA B 26 3.63 8.67 18.18
CA ALA B 26 3.13 7.42 17.63
C ALA B 26 3.67 7.14 16.24
N LEU B 27 3.63 8.16 15.38
CA LEU B 27 4.13 7.97 14.05
C LEU B 27 5.62 7.60 14.14
N GLY B 28 6.37 8.27 15.00
CA GLY B 28 7.78 7.91 15.20
C GLY B 28 8.04 6.52 15.80
N ALA B 29 7.28 6.20 16.86
CA ALA B 29 7.32 4.89 17.49
C ALA B 29 7.07 3.81 16.46
N SER B 30 6.16 4.10 15.56
CA SER B 30 5.80 3.16 14.53
C SER B 30 6.93 2.91 13.50
N LEU B 31 7.70 3.95 13.22
CA LEU B 31 8.84 3.79 12.33
C LEU B 31 9.94 3.03 13.11
N GLY B 32 10.11 3.34 14.38
CA GLY B 32 11.03 2.57 15.21
C GLY B 32 10.71 1.08 15.17
N ARG B 33 9.52 0.75 15.64
CA ARG B 33 8.99 -0.57 15.53
C ARG B 33 9.41 -1.20 14.23
N TYR B 34 9.07 -0.53 13.15
CA TYR B 34 9.30 -1.04 11.82
C TYR B 34 10.79 -1.31 11.56
N GLU B 36 13.09 -1.98 13.88
CA GLU B 36 13.42 -3.15 14.68
C GLU B 36 12.95 -4.45 14.00
N ASN B 37 11.70 -4.51 13.52
CA ASN B 37 11.22 -5.71 12.83
C ASN B 37 12.07 -6.05 11.62
N SER B 38 12.42 -5.03 10.87
CA SER B 38 13.24 -5.22 9.70
C SER B 38 14.64 -5.82 10.03
N LEU B 39 15.34 -5.22 11.00
CA LEU B 39 16.61 -5.73 11.50
C LEU B 39 16.49 -7.19 11.92
N LYS B 40 15.33 -7.53 12.46
CA LYS B 40 15.07 -8.85 12.96
C LYS B 40 15.10 -9.87 11.82
N GLU B 41 14.69 -9.49 10.62
CA GLU B 41 14.69 -10.44 9.50
C GLU B 41 16.08 -10.55 8.88
N GLN B 42 16.82 -9.44 8.89
CA GLN B 42 18.20 -9.48 8.42
C GLN B 42 19.10 -10.37 9.31
N GLU B 43 18.84 -10.37 10.62
CA GLU B 43 19.60 -11.19 11.55
C GLU B 43 19.47 -12.69 11.26
N LYS B 44 18.34 -13.09 10.66
CA LYS B 44 18.15 -14.47 10.23
C LYS B 44 19.22 -14.88 9.25
N LEU B 45 19.81 -13.91 8.59
CA LEU B 45 20.81 -14.15 7.55
C LEU B 45 22.22 -13.78 8.01
N GLY B 46 22.38 -13.53 9.28
CA GLY B 46 23.66 -13.11 9.80
C GLY B 46 24.00 -11.70 9.39
N ILE B 47 23.03 -10.93 8.87
CA ILE B 47 23.25 -9.53 8.48
C ILE B 47 22.91 -8.60 9.64
N LYS B 48 23.92 -7.93 10.14
CA LYS B 48 23.80 -7.06 11.29
C LYS B 48 24.19 -5.60 11.00
N LEU B 49 23.21 -4.75 10.74
CA LEU B 49 23.48 -3.35 10.51
C LEU B 49 23.80 -2.59 11.78
N ASP B 50 24.63 -1.58 11.61
CA ASP B 50 25.04 -0.67 12.69
C ASP B 50 23.85 0.23 13.11
N LYS B 51 23.33 -0.02 14.31
CA LYS B 51 22.11 0.64 14.76
C LYS B 51 22.33 2.10 15.07
N ASP B 52 23.50 2.46 15.56
CA ASP B 52 23.71 3.88 15.82
C ASP B 52 23.60 4.57 14.44
N GLN B 53 24.21 4.01 13.42
CA GLN B 53 24.16 4.67 12.12
C GLN B 53 22.78 4.69 11.56
N LEU B 54 22.02 3.63 11.74
CA LEU B 54 20.66 3.66 11.21
C LEU B 54 19.87 4.87 11.80
N ILE B 55 20.00 5.10 13.09
CA ILE B 55 19.28 6.20 13.73
C ILE B 55 19.82 7.53 13.21
N ALA B 56 21.15 7.66 13.13
CA ALA B 56 21.75 8.93 12.72
C ALA B 56 21.24 9.34 11.33
N GLY B 57 21.06 8.36 10.45
CA GLY B 57 20.56 8.65 9.13
C GLY B 57 19.15 9.23 9.19
N VAL B 58 18.37 8.68 10.11
CA VAL B 58 16.99 9.09 10.30
C VAL B 58 16.94 10.51 10.80
N GLN B 59 17.75 10.78 11.83
CA GLN B 59 17.80 12.14 12.40
C GLN B 59 18.30 13.14 11.35
N ASP B 60 19.45 12.82 10.75
CA ASP B 60 20.05 13.66 9.70
C ASP B 60 19.04 13.99 8.62
N ALA B 61 18.32 12.99 8.13
CA ALA B 61 17.35 13.25 7.07
C ALA B 61 16.21 14.06 7.58
N PHE B 62 15.71 13.71 8.74
CA PHE B 62 14.56 14.40 9.28
C PHE B 62 14.85 15.87 9.52
N ALA B 63 16.12 16.22 9.59
CA ALA B 63 16.54 17.60 9.77
C ALA B 63 17.23 18.13 8.51
N ASP B 64 17.15 17.37 7.44
CA ASP B 64 17.74 17.77 6.16
C ASP B 64 19.28 17.95 6.16
N LYS B 65 20.00 17.08 6.85
CA LYS B 65 21.47 17.11 6.80
C LYS B 65 22.08 15.75 6.44
N SER B 66 21.51 15.03 5.48
CA SER B 66 22.09 13.75 5.06
C SER B 66 23.55 13.89 4.59
N LYS B 67 24.44 13.06 5.11
CA LYS B 67 25.83 13.01 4.68
C LYS B 67 26.05 12.21 3.39
N LEU B 68 25.01 11.63 2.82
CA LEU B 68 25.18 10.95 1.57
C LEU B 68 24.24 11.62 0.56
N SER B 69 24.70 11.73 -0.69
CA SER B 69 23.89 12.28 -1.78
C SER B 69 22.74 11.33 -2.16
N ASP B 70 21.73 11.84 -2.85
CA ASP B 70 20.60 11.02 -3.29
C ASP B 70 21.06 9.83 -4.14
N GLN B 71 22.09 10.00 -4.98
CA GLN B 71 22.57 8.89 -5.81
C GLN B 71 23.27 7.83 -4.98
N GLU B 72 24.03 8.27 -3.98
CA GLU B 72 24.75 7.37 -3.08
C GLU B 72 23.73 6.61 -2.22
N ILE B 73 22.65 7.26 -1.83
CA ILE B 73 21.59 6.59 -1.10
C ILE B 73 20.93 5.54 -1.97
N GLU B 74 20.54 5.94 -3.17
CA GLU B 74 19.87 5.05 -4.11
C GLU B 74 20.71 3.78 -4.31
N GLN B 75 21.98 4.00 -4.61
CA GLN B 75 22.89 2.93 -5.01
C GLN B 75 23.28 2.03 -3.86
N THR B 76 23.45 2.62 -2.69
CA THR B 76 23.84 1.88 -1.51
C THR B 76 22.69 0.96 -1.15
N LEU B 77 21.47 1.49 -1.21
CA LEU B 77 20.29 0.67 -0.88
C LEU B 77 20.11 -0.40 -1.90
N GLN B 78 20.30 -0.04 -3.14
CA GLN B 78 20.25 -1.00 -4.22
C GLN B 78 21.21 -2.17 -3.98
N ALA B 79 22.45 -1.89 -3.65
CA ALA B 79 23.41 -2.95 -3.42
C ALA B 79 23.06 -3.73 -2.14
N PHE B 80 22.58 -3.03 -1.11
CA PHE B 80 22.26 -3.70 0.16
C PHE B 80 21.08 -4.65 0.00
N GLU B 81 20.06 -4.23 -0.71
CA GLU B 81 18.90 -5.08 -0.92
C GLU B 81 19.20 -6.26 -1.87
N ALA B 82 20.21 -6.10 -2.73
CA ALA B 82 20.63 -7.23 -3.55
C ALA B 82 21.31 -8.27 -2.61
N ARG B 83 22.11 -7.79 -1.66
CA ARG B 83 22.77 -8.62 -0.65
C ARG B 83 21.73 -9.40 0.17
N VAL B 84 20.73 -8.71 0.68
CA VAL B 84 19.71 -9.33 1.49
C VAL B 84 18.95 -10.40 0.68
N LYS B 85 18.50 -10.05 -0.49
CA LYS B 85 17.75 -11.00 -1.26
C LYS B 85 18.63 -12.18 -1.65
N SER B 86 19.87 -11.90 -2.03
CA SER B 86 20.74 -12.97 -2.43
C SER B 86 21.09 -13.84 -1.22
N SER B 87 21.24 -13.24 -0.03
CA SER B 87 21.47 -14.06 1.13
C SER B 87 20.21 -14.89 1.55
N ALA B 88 19.03 -14.31 1.40
CA ALA B 88 17.80 -14.98 1.81
C ALA B 88 17.47 -16.14 0.87
N GLN B 89 17.78 -15.95 -0.40
CA GLN B 89 17.50 -16.96 -1.38
C GLN B 89 18.37 -18.19 -1.17
N ALA B 90 19.67 -17.97 -1.00
CA ALA B 90 20.57 -19.05 -0.76
C ALA B 90 20.14 -19.82 0.50
N LYS B 91 19.81 -19.10 1.57
CA LYS B 91 19.40 -19.77 2.81
C LYS B 91 18.10 -20.59 2.65
N GLU B 93 17.14 -22.02 -0.12
CA GLU B 93 17.49 -23.11 -1.01
C GLU B 93 18.11 -24.24 -0.24
N LYS B 94 19.03 -23.85 0.65
CA LYS B 94 19.75 -24.81 1.47
C LYS B 94 18.83 -25.39 2.52
N ASP B 95 18.01 -24.58 3.17
CA ASP B 95 17.07 -25.11 4.15
C ASP B 95 16.08 -26.05 3.50
N ALA B 96 15.69 -25.75 2.27
CA ALA B 96 14.72 -26.62 1.60
C ALA B 96 15.29 -28.00 1.41
N ALA B 97 16.52 -28.06 0.93
CA ALA B 97 17.15 -29.34 0.63
C ALA B 97 17.46 -30.11 1.92
N ASP B 98 17.97 -29.39 2.93
CA ASP B 98 18.30 -29.99 4.21
C ASP B 98 17.05 -30.54 4.90
N ASN B 99 15.99 -29.75 4.92
CA ASN B 99 14.78 -30.15 5.60
C ASN B 99 14.04 -31.25 4.87
N GLU B 100 14.19 -31.34 3.56
CA GLU B 100 13.53 -32.40 2.80
C GLU B 100 14.21 -33.74 3.17
N ALA B 101 15.54 -33.74 3.24
CA ALA B 101 16.26 -34.97 3.56
C ALA B 101 16.10 -35.37 5.02
N LYS B 102 16.22 -34.40 5.94
CA LYS B 102 16.09 -34.70 7.36
C LYS B 102 14.67 -35.19 7.62
N GLY B 103 13.72 -34.55 6.95
CA GLY B 103 12.33 -34.89 7.11
C GLY B 103 12.11 -36.32 6.69
N LYS B 104 12.61 -36.67 5.50
CA LYS B 104 12.43 -38.02 4.97
C LYS B 104 12.97 -39.05 5.97
N GLU B 105 14.18 -38.83 6.45
CA GLU B 105 14.83 -39.76 7.37
C GLU B 105 13.95 -39.93 8.61
N TYR B 106 13.38 -38.82 9.05
CA TYR B 106 12.67 -38.83 10.30
C TYR B 106 11.42 -39.66 10.21
N ARG B 107 10.71 -39.50 9.11
CA ARG B 107 9.49 -40.20 8.87
C ARG B 107 9.75 -41.68 8.75
N GLU B 108 10.83 -42.02 8.04
CA GLU B 108 11.24 -43.39 7.81
C GLU B 108 11.52 -44.12 9.11
N LYS B 109 12.21 -43.45 10.04
CA LYS B 109 12.52 -44.06 11.30
C LYS B 109 11.23 -44.23 12.12
N PHE B 110 10.47 -43.16 12.25
CA PHE B 110 9.28 -43.21 13.05
C PHE B 110 8.27 -44.24 12.50
N ALA B 111 8.18 -44.33 11.18
CA ALA B 111 7.21 -45.21 10.55
C ALA B 111 7.45 -46.69 10.86
N LYS B 112 8.67 -47.03 11.25
CA LYS B 112 8.99 -48.39 11.56
C LYS B 112 8.57 -48.78 12.97
N GLU B 113 8.25 -47.79 13.82
CA GLU B 113 7.94 -48.07 15.23
C GLU B 113 6.60 -48.76 15.47
N LYS B 114 6.48 -49.36 16.64
CA LYS B 114 5.31 -50.10 17.03
C LYS B 114 4.05 -49.21 17.07
N GLY B 115 2.97 -49.75 16.51
CA GLY B 115 1.71 -49.02 16.44
C GLY B 115 1.71 -47.91 15.39
N VAL B 116 2.80 -47.70 14.67
CA VAL B 116 2.81 -46.59 13.70
C VAL B 116 2.46 -47.08 12.34
N LYS B 117 1.73 -46.28 11.58
CA LYS B 117 1.31 -46.65 10.23
C LYS B 117 1.60 -45.58 9.18
N THR B 118 1.74 -46.04 7.94
CA THR B 118 1.99 -45.19 6.80
C THR B 118 0.81 -45.36 5.81
N SER B 119 0.15 -44.26 5.46
CA SER B 119 -0.94 -44.35 4.50
C SER B 119 -0.40 -44.33 3.10
N SER B 120 -1.28 -44.61 2.16
CA SER B 120 -0.98 -44.58 0.77
C SER B 120 -0.48 -43.26 0.27
N THR B 121 -0.68 -42.19 1.03
CA THR B 121 -0.24 -40.85 0.61
C THR B 121 1.09 -40.48 1.19
N GLY B 122 1.69 -41.29 2.05
CA GLY B 122 2.91 -40.86 2.67
C GLY B 122 2.72 -40.29 4.09
N LEU B 123 1.48 -40.06 4.49
CA LEU B 123 1.18 -39.64 5.84
C LEU B 123 1.57 -40.79 6.79
N VAL B 124 2.26 -40.43 7.86
CA VAL B 124 2.66 -41.35 8.89
C VAL B 124 1.91 -40.95 10.19
N TYR B 125 1.26 -41.92 10.82
CA TYR B 125 0.46 -41.62 11.98
C TYR B 125 0.46 -42.75 13.01
N GLN B 126 0.17 -42.37 14.26
CA GLN B 126 0.07 -43.29 15.36
C GLN B 126 -1.20 -42.99 16.11
N VAL B 127 -2.19 -43.85 15.95
CA VAL B 127 -3.42 -43.72 16.68
C VAL B 127 -3.11 -43.99 18.14
N VAL B 128 -3.47 -43.06 19.02
CA VAL B 128 -3.21 -43.20 20.41
C VAL B 128 -4.47 -43.69 21.11
N GLU B 129 -5.61 -43.03 20.86
CA GLU B 129 -6.94 -43.46 21.34
C GLU B 129 -7.87 -43.45 20.12
N ALA B 130 -8.57 -44.54 19.88
CA ALA B 130 -9.46 -44.61 18.74
C ALA B 130 -10.62 -43.63 18.87
N GLY B 131 -11.10 -43.43 20.11
CA GLY B 131 -12.33 -42.69 20.30
C GLY B 131 -13.55 -43.51 19.87
N LYS B 132 -14.73 -42.91 19.83
CA LYS B 132 -15.93 -43.69 19.50
C LYS B 132 -16.95 -42.76 18.90
N GLY B 133 -17.62 -43.22 17.86
CA GLY B 133 -18.63 -42.44 17.18
C GLY B 133 -18.48 -42.50 15.66
N GLU B 134 -18.92 -41.46 14.98
CA GLU B 134 -18.89 -41.42 13.51
C GLU B 134 -17.54 -41.06 12.96
N ALA B 135 -17.18 -41.69 11.85
CA ALA B 135 -15.95 -41.35 11.13
C ALA B 135 -16.07 -39.91 10.67
N PRO B 136 -15.14 -39.02 11.00
CA PRO B 136 -15.17 -37.66 10.47
C PRO B 136 -15.07 -37.69 8.95
N LYS B 137 -15.76 -36.78 8.30
CA LYS B 137 -15.71 -36.71 6.84
C LYS B 137 -15.29 -35.31 6.41
N ASP B 138 -15.03 -35.12 5.13
CA ASP B 138 -14.49 -33.83 4.65
C ASP B 138 -15.31 -32.60 5.07
N SER B 139 -16.62 -32.71 5.03
CA SER B 139 -17.45 -31.55 5.33
C SER B 139 -17.76 -31.35 6.81
N ASP B 140 -17.30 -32.24 7.68
CA ASP B 140 -17.52 -32.09 9.10
C ASP B 140 -16.66 -30.98 9.72
N THR B 141 -17.19 -30.45 10.82
CA THR B 141 -16.45 -29.50 11.64
C THR B 141 -15.91 -30.33 12.76
N VAL B 142 -14.63 -30.26 13.01
CA VAL B 142 -14.02 -31.00 14.10
C VAL B 142 -13.64 -29.98 15.14
N VAL B 143 -13.60 -30.40 16.40
CA VAL B 143 -13.19 -29.54 17.52
C VAL B 143 -11.99 -30.25 18.13
N VAL B 144 -10.85 -29.56 18.20
CA VAL B 144 -9.61 -30.16 18.66
C VAL B 144 -8.74 -29.36 19.60
N ASN B 145 -7.92 -30.09 20.34
CA ASN B 145 -6.76 -29.51 20.97
C ASN B 145 -5.55 -30.08 20.20
N TYR B 146 -4.52 -29.29 20.03
CA TYR B 146 -3.35 -29.80 19.34
C TYR B 146 -2.08 -29.13 19.73
N LYS B 147 -1.00 -29.79 19.38
CA LYS B 147 0.32 -29.28 19.60
C LYS B 147 1.06 -29.55 18.30
N GLY B 148 1.71 -28.51 17.76
CA GLY B 148 2.44 -28.62 16.52
C GLY B 148 3.91 -28.31 16.71
N THR B 149 4.78 -29.24 16.37
CA THR B 149 6.22 -29.00 16.48
C THR B 149 7.01 -29.48 15.25
N LEU B 150 8.18 -28.89 15.01
CA LEU B 150 9.06 -29.33 13.93
C LEU B 150 9.86 -30.56 14.39
N ILE B 151 10.50 -31.28 13.47
CA ILE B 151 11.17 -32.53 13.85
C ILE B 151 12.30 -32.33 14.83
N ASP B 152 12.74 -31.10 15.00
CA ASP B 152 13.82 -30.81 15.89
C ASP B 152 13.32 -30.43 17.27
N GLY B 153 12.04 -30.65 17.56
CA GLY B 153 11.49 -30.29 18.86
C GLY B 153 10.98 -28.86 19.02
N LYS B 154 11.23 -27.98 18.06
CA LYS B 154 10.73 -26.60 18.18
C LYS B 154 9.24 -26.56 17.99
N GLU B 155 8.53 -26.16 19.04
CA GLU B 155 7.07 -26.05 19.04
C GLU B 155 6.67 -24.80 18.26
N PHE B 156 5.79 -24.93 17.27
CA PHE B 156 5.36 -23.78 16.50
C PHE B 156 3.93 -23.39 16.79
N ASP B 157 3.17 -24.27 17.43
CA ASP B 157 1.78 -23.96 17.69
C ASP B 157 1.28 -24.89 18.79
N ASN B 158 0.29 -24.40 19.53
CA ASN B 158 -0.16 -25.04 20.74
C ASN B 158 -1.49 -24.38 21.11
N SER B 159 -2.59 -25.06 20.82
CA SER B 159 -3.90 -24.52 21.06
C SER B 159 -4.09 -24.36 22.53
N TYR B 160 -3.49 -25.29 23.27
CA TYR B 160 -3.61 -25.31 24.71
C TYR B 160 -3.18 -23.96 25.27
N THR B 161 -1.98 -23.48 24.94
CA THR B 161 -1.53 -22.21 25.53
C THR B 161 -2.21 -21.01 24.87
N ARG B 162 -2.84 -21.27 23.72
CA ARG B 162 -3.58 -20.24 23.00
C ARG B 162 -4.84 -19.96 23.76
N GLY B 163 -5.43 -20.97 24.38
CA GLY B 163 -6.55 -20.71 25.27
C GLY B 163 -7.84 -21.50 25.20
N GLU B 164 -8.17 -22.02 24.04
CA GLU B 164 -9.40 -22.80 23.88
C GLU B 164 -9.28 -23.79 22.76
N PRO B 165 -10.20 -24.75 22.73
CA PRO B 165 -10.24 -25.72 21.63
C PRO B 165 -10.66 -25.03 20.33
N LEU B 166 -10.03 -25.36 19.24
CA LEU B 166 -10.34 -24.77 17.96
C LEU B 166 -11.21 -25.66 17.05
N SER B 167 -12.12 -25.01 16.34
CA SER B 167 -13.04 -25.66 15.43
C SER B 167 -12.66 -25.35 13.99
N PHE B 168 -12.82 -26.32 13.10
CA PHE B 168 -12.68 -26.07 11.68
C PHE B 168 -13.29 -27.16 10.84
N ARG B 169 -13.60 -26.77 9.61
CA ARG B 169 -14.06 -27.71 8.62
C ARG B 169 -12.88 -28.57 8.29
N LEU B 170 -13.13 -29.86 8.19
CA LEU B 170 -12.10 -30.83 7.93
C LEU B 170 -11.43 -30.59 6.60
N ASP B 171 -12.18 -30.20 5.56
CA ASP B 171 -11.60 -29.86 4.27
C ASP B 171 -11.02 -28.42 4.17
N GLY B 172 -11.02 -27.66 5.26
CA GLY B 172 -10.43 -26.33 5.28
C GLY B 172 -8.97 -26.32 5.78
N VAL B 173 -8.45 -27.47 6.20
CA VAL B 173 -7.10 -27.52 6.75
C VAL B 173 -6.15 -28.24 5.79
N ILE B 174 -4.88 -28.33 6.17
CA ILE B 174 -3.94 -29.01 5.30
C ILE B 174 -4.30 -30.49 5.11
N PRO B 175 -3.99 -30.99 3.93
CA PRO B 175 -4.27 -32.39 3.57
C PRO B 175 -3.80 -33.42 4.60
N GLY B 176 -2.62 -33.24 5.19
CA GLY B 176 -2.16 -34.13 6.25
C GLY B 176 -3.21 -34.26 7.35
N TRP B 177 -3.92 -33.17 7.66
CA TRP B 177 -5.01 -33.20 8.66
C TRP B 177 -6.31 -33.75 8.16
N THR B 178 -6.73 -33.33 6.99
CA THR B 178 -7.98 -33.77 6.37
C THR B 178 -8.02 -35.30 6.32
N GLU B 179 -6.88 -35.86 5.95
CA GLU B 179 -6.71 -37.31 5.86
C GLU B 179 -6.54 -37.92 7.25
N GLY B 180 -5.62 -37.38 8.03
CA GLY B 180 -5.34 -38.00 9.32
C GLY B 180 -6.48 -38.20 10.31
N LEU B 181 -7.29 -37.15 10.44
CA LEU B 181 -8.32 -37.16 11.46
C LEU B 181 -9.36 -38.19 11.13
N LYS B 182 -9.42 -38.65 9.88
CA LYS B 182 -10.39 -39.68 9.53
C LYS B 182 -10.03 -41.02 10.13
N ASN B 183 -8.79 -41.18 10.59
CA ASN B 183 -8.36 -42.40 11.24
C ASN B 183 -8.78 -42.55 12.71
N ILE B 184 -9.48 -41.56 13.26
CA ILE B 184 -10.00 -41.68 14.57
C ILE B 184 -11.41 -41.12 14.65
N LYS B 185 -12.02 -41.23 15.83
CA LYS B 185 -13.33 -40.71 16.11
C LYS B 185 -13.33 -39.83 17.32
N LYS B 186 -14.46 -39.20 17.57
CA LYS B 186 -14.65 -38.37 18.71
C LYS B 186 -14.22 -39.07 19.96
N GLY B 187 -13.40 -38.36 20.75
CA GLY B 187 -12.80 -38.87 21.96
C GLY B 187 -11.37 -39.34 21.67
N GLY B 188 -11.02 -39.46 20.40
CA GLY B 188 -9.74 -40.04 20.04
C GLY B 188 -8.56 -39.10 20.12
N LYS B 189 -7.40 -39.69 19.83
CA LYS B 189 -6.13 -38.99 19.89
C LYS B 189 -5.19 -39.63 18.93
N ILE B 190 -4.46 -38.81 18.19
CA ILE B 190 -3.56 -39.30 17.16
C ILE B 190 -2.35 -38.42 17.05
N LYS B 191 -1.25 -39.02 16.65
CA LYS B 191 -0.05 -38.28 16.38
C LYS B 191 0.15 -38.35 14.88
N LEU B 192 0.24 -37.16 14.24
CA LEU B 192 0.42 -37.05 12.82
C LEU B 192 1.81 -36.53 12.50
N VAL B 193 2.47 -37.26 11.61
CA VAL B 193 3.81 -36.90 11.17
C VAL B 193 3.61 -36.69 9.67
N ILE B 194 3.65 -35.41 9.29
CA ILE B 194 3.22 -34.98 7.99
C ILE B 194 4.33 -34.41 7.16
N PRO B 195 4.49 -35.00 5.99
CA PRO B 195 5.47 -34.53 5.00
C PRO B 195 5.02 -33.19 4.39
N PRO B 196 5.99 -32.38 3.96
CA PRO B 196 5.72 -31.03 3.46
C PRO B 196 4.75 -31.03 2.30
N GLU B 197 4.76 -32.09 1.52
CA GLU B 197 3.84 -32.11 0.39
C GLU B 197 2.38 -32.32 0.82
N LEU B 198 2.14 -32.68 2.08
CA LEU B 198 0.78 -32.71 2.62
C LEU B 198 0.61 -31.55 3.63
N ALA B 199 1.56 -30.62 3.64
CA ALA B 199 1.50 -29.49 4.55
C ALA B 199 1.82 -28.20 3.81
N TYR B 200 2.91 -27.52 4.18
CA TYR B 200 3.19 -26.21 3.59
C TYR B 200 4.25 -26.20 2.47
N GLY B 201 4.69 -27.37 2.03
CA GLY B 201 5.61 -27.51 0.91
C GLY B 201 6.95 -26.79 0.97
N LYS B 202 7.44 -26.43 -0.19
CA LYS B 202 8.70 -25.71 -0.27
C LYS B 202 8.60 -24.28 0.26
N ALA B 203 7.51 -23.57 -0.02
CA ALA B 203 7.36 -22.19 0.43
C ALA B 203 7.39 -22.08 1.94
N GLY B 204 6.72 -23.01 2.60
CA GLY B 204 6.54 -22.95 4.05
C GLY B 204 5.60 -21.79 4.32
N VAL B 205 5.43 -21.43 5.58
CA VAL B 205 4.66 -20.26 5.99
C VAL B 205 5.40 -19.70 7.20
N PRO B 206 5.15 -18.45 7.55
CA PRO B 206 5.82 -17.88 8.73
C PRO B 206 5.77 -18.86 9.88
N GLY B 207 6.92 -19.11 10.50
CA GLY B 207 7.02 -20.08 11.59
C GLY B 207 7.32 -21.48 11.07
N ILE B 208 7.10 -21.74 9.79
CA ILE B 208 7.40 -23.04 9.23
C ILE B 208 8.32 -22.97 8.03
N PRO B 209 9.53 -23.44 8.23
CA PRO B 209 10.53 -23.37 7.17
C PRO B 209 10.18 -24.26 6.02
N PRO B 210 10.86 -24.02 4.91
CA PRO B 210 10.73 -24.80 3.69
C PRO B 210 10.87 -26.31 3.89
N ASN B 211 10.07 -27.09 3.18
CA ASN B 211 10.09 -28.55 3.19
C ASN B 211 10.08 -29.14 4.58
N SER B 212 9.30 -28.53 5.47
CA SER B 212 9.20 -28.97 6.87
C SER B 212 8.22 -30.10 7.12
N THR B 213 8.77 -31.17 7.70
CA THR B 213 7.94 -32.24 8.20
C THR B 213 7.35 -31.77 9.51
N LEU B 214 6.05 -31.93 9.68
CA LEU B 214 5.42 -31.48 10.91
C LEU B 214 4.86 -32.64 11.70
N VAL B 215 5.00 -32.49 13.02
CA VAL B 215 4.55 -33.44 14.03
C VAL B 215 3.42 -32.80 14.88
N PHE B 216 2.24 -33.39 14.83
CA PHE B 216 1.11 -32.87 15.60
C PHE B 216 0.58 -33.93 16.53
N ASP B 217 0.33 -33.53 17.77
CA ASP B 217 -0.38 -34.39 18.72
C ASP B 217 -1.77 -33.76 18.82
N VAL B 218 -2.76 -34.48 18.31
CA VAL B 218 -4.11 -34.01 18.24
C VAL B 218 -5.11 -34.81 19.11
N GLU B 219 -5.93 -34.07 19.87
CA GLU B 219 -7.04 -34.64 20.62
C GLU B 219 -8.32 -34.22 19.91
N LEU B 220 -9.13 -35.18 19.53
CA LEU B 220 -10.35 -34.91 18.81
C LEU B 220 -11.50 -34.93 19.79
N LEU B 221 -12.00 -33.75 20.14
CA LEU B 221 -13.08 -33.57 21.12
C LEU B 221 -14.49 -33.70 20.54
N ASP B 222 -14.73 -33.25 19.32
CA ASP B 222 -16.08 -33.30 18.76
C ASP B 222 -16.00 -33.35 17.26
N VAL B 223 -17.05 -33.85 16.64
CA VAL B 223 -17.13 -34.04 15.22
C VAL B 223 -18.57 -33.68 15.00
N LYS B 224 -18.79 -32.60 14.28
CA LYS B 224 -20.17 -32.14 14.12
C LYS B 224 -20.41 -31.51 12.77
#